data_2HMV
#
_entry.id   2HMV
#
_cell.length_a   127.464
_cell.length_b   127.464
_cell.length_c   51.401
_cell.angle_alpha   90.00
_cell.angle_beta   90.00
_cell.angle_gamma   90.00
#
_symmetry.space_group_name_H-M   'P 4 2 2'
#
loop_
_entity.id
_entity.type
_entity.pdbx_description
1 polymer 'YuaA protein'
2 non-polymer "ADENOSINE-5'-DIPHOSPHATE"
3 water water
#
_entity_poly.entity_id   1
_entity_poly.type   'polypeptide(L)'
_entity_poly.pdbx_seq_one_letter_code
;MGRIKNKQFAVIGLGRFGGSIVKELHRMGHEVLAVDINEEKVNAYASYATHAVIANATEENELLSLGIRNFEYVIVAIGA
NIQASTLTTLLLKELDIPNIWVKAQNYYHHKVLEKIGADRIIHPEKDMGVKIAQSLSDENVLNY
;
_entity_poly.pdbx_strand_id   A,B
#
loop_
_chem_comp.id
_chem_comp.type
_chem_comp.name
_chem_comp.formula
ADP non-polymer ADENOSINE-5'-DIPHOSPHATE 'C10 H15 N5 O10 P2'
#
# COMPACT_ATOMS: atom_id res chain seq x y z
N ASN A 6 -27.03 5.63 6.07
CA ASN A 6 -26.74 6.84 6.91
C ASN A 6 -25.68 6.53 7.99
N LYS A 7 -24.68 7.41 8.09
CA LYS A 7 -23.59 7.27 9.05
C LYS A 7 -23.08 5.84 9.16
N GLN A 8 -22.41 5.40 8.11
CA GLN A 8 -21.87 4.04 8.05
C GLN A 8 -20.34 4.07 8.06
N PHE A 9 -19.76 4.98 7.28
CA PHE A 9 -18.31 5.08 7.18
C PHE A 9 -17.77 6.46 7.51
N ALA A 10 -16.65 6.49 8.21
CA ALA A 10 -15.99 7.73 8.59
C ALA A 10 -14.49 7.49 8.40
N VAL A 11 -13.81 8.44 7.77
CA VAL A 11 -12.38 8.31 7.55
C VAL A 11 -11.64 9.50 8.16
N ILE A 12 -10.69 9.23 9.07
CA ILE A 12 -9.91 10.28 9.74
C ILE A 12 -8.46 10.25 9.26
N GLY A 13 -8.04 11.29 8.55
CA GLY A 13 -6.70 11.32 8.02
C GLY A 13 -6.89 11.18 6.53
N LEU A 14 -6.74 12.28 5.81
CA LEU A 14 -6.95 12.29 4.37
C LEU A 14 -5.68 12.34 3.52
N GLY A 15 -4.76 11.42 3.78
CA GLY A 15 -3.55 11.37 2.99
C GLY A 15 -3.81 10.49 1.79
N ARG A 16 -2.75 9.98 1.18
CA ARG A 16 -2.88 9.11 0.03
C ARG A 16 -3.81 7.93 0.36
N PHE A 17 -3.56 7.28 1.49
CA PHE A 17 -4.36 6.13 1.90
C PHE A 17 -5.80 6.51 2.25
N GLY A 18 -5.96 7.43 3.19
CA GLY A 18 -7.29 7.85 3.61
C GLY A 18 -8.12 8.51 2.53
N GLY A 19 -7.52 9.44 1.81
CA GLY A 19 -8.23 10.12 0.76
C GLY A 19 -8.66 9.13 -0.30
N SER A 20 -7.85 8.10 -0.51
CA SER A 20 -8.18 7.09 -1.51
C SER A 20 -9.41 6.29 -1.09
N ILE A 21 -9.58 5.98 0.19
CA ILE A 21 -10.79 5.23 0.49
C ILE A 21 -12.02 6.13 0.37
N VAL A 22 -11.86 7.42 0.67
CA VAL A 22 -12.94 8.37 0.56
C VAL A 22 -13.41 8.42 -0.91
N LYS A 23 -12.47 8.59 -1.83
CA LYS A 23 -12.80 8.62 -3.25
C LYS A 23 -13.52 7.35 -3.69
N GLU A 24 -12.91 6.18 -3.45
CA GLU A 24 -13.54 4.92 -3.86
C GLU A 24 -14.93 4.77 -3.30
N LEU A 25 -15.11 5.09 -2.02
CA LEU A 25 -16.44 4.97 -1.41
C LEU A 25 -17.44 5.81 -2.18
N HIS A 26 -17.06 7.05 -2.45
CA HIS A 26 -17.91 7.99 -3.18
C HIS A 26 -18.24 7.44 -4.57
N ARG A 27 -17.23 6.93 -5.26
CA ARG A 27 -17.44 6.39 -6.60
C ARG A 27 -18.46 5.27 -6.54
N MET A 28 -18.37 4.43 -5.52
CA MET A 28 -19.29 3.32 -5.35
C MET A 28 -20.66 3.74 -4.82
N GLY A 29 -20.88 5.05 -4.73
CA GLY A 29 -22.16 5.55 -4.26
C GLY A 29 -22.39 5.52 -2.76
N HIS A 30 -21.33 5.37 -1.97
CA HIS A 30 -21.48 5.36 -0.52
C HIS A 30 -21.27 6.73 0.09
N GLU A 31 -22.00 7.00 1.17
CA GLU A 31 -21.88 8.26 1.88
C GLU A 31 -20.66 8.07 2.79
N VAL A 32 -19.88 9.12 3.01
CA VAL A 32 -18.68 9.00 3.83
C VAL A 32 -18.35 10.28 4.59
N LEU A 33 -17.88 10.12 5.82
CA LEU A 33 -17.48 11.26 6.64
C LEU A 33 -15.96 11.37 6.53
N ALA A 34 -15.49 12.46 5.93
CA ALA A 34 -14.06 12.71 5.76
C ALA A 34 -13.57 13.79 6.72
N VAL A 35 -12.54 13.47 7.50
CA VAL A 35 -12.01 14.44 8.45
C VAL A 35 -10.48 14.53 8.45
N ASP A 36 -9.97 15.71 8.76
CA ASP A 36 -8.54 15.97 8.81
C ASP A 36 -8.34 17.24 9.63
N ILE A 37 -7.14 17.40 10.21
CA ILE A 37 -6.83 18.60 11.00
C ILE A 37 -6.45 19.72 10.04
N ASN A 38 -5.91 19.35 8.90
CA ASN A 38 -5.47 20.31 7.89
C ASN A 38 -6.63 20.69 6.97
N GLU A 39 -6.88 21.99 6.83
CA GLU A 39 -7.98 22.48 6.00
C GLU A 39 -7.77 22.26 4.52
N GLU A 40 -6.53 22.39 4.04
CA GLU A 40 -6.24 22.20 2.62
C GLU A 40 -6.58 20.76 2.22
N LYS A 41 -6.49 19.84 3.16
CA LYS A 41 -6.81 18.43 2.88
C LYS A 41 -8.32 18.26 2.83
N VAL A 42 -9.01 18.91 3.76
CA VAL A 42 -10.46 18.83 3.83
C VAL A 42 -11.10 19.43 2.58
N ASN A 43 -10.50 20.50 2.05
CA ASN A 43 -11.03 21.15 0.85
C ASN A 43 -10.76 20.31 -0.40
N ALA A 44 -9.74 19.46 -0.32
CA ALA A 44 -9.39 18.62 -1.45
C ALA A 44 -10.35 17.45 -1.62
N TYR A 45 -11.10 17.11 -0.58
CA TYR A 45 -12.04 16.01 -0.68
C TYR A 45 -13.49 16.43 -0.52
N ALA A 46 -13.73 17.70 -0.76
CA ALA A 46 -15.06 18.28 -0.65
C ALA A 46 -16.02 17.65 -1.67
N SER A 47 -15.54 17.42 -2.88
CA SER A 47 -16.37 16.83 -3.92
C SER A 47 -16.52 15.32 -3.84
N TYR A 48 -16.04 14.70 -2.76
CA TYR A 48 -16.15 13.24 -2.64
C TYR A 48 -16.83 12.78 -1.37
N ALA A 49 -16.88 13.64 -0.37
CA ALA A 49 -17.48 13.24 0.89
C ALA A 49 -18.82 13.88 1.19
N THR A 50 -19.70 13.09 1.82
CA THR A 50 -21.01 13.57 2.22
C THR A 50 -20.70 14.82 3.03
N HIS A 51 -19.79 14.67 3.99
CA HIS A 51 -19.36 15.78 4.85
C HIS A 51 -17.86 15.69 5.09
N ALA A 52 -17.17 16.80 4.90
CA ALA A 52 -15.72 16.88 5.12
C ALA A 52 -15.47 17.93 6.20
N VAL A 53 -15.10 17.47 7.39
CA VAL A 53 -14.86 18.37 8.52
C VAL A 53 -13.39 18.53 8.94
N ILE A 54 -13.05 19.71 9.45
CA ILE A 54 -11.71 19.98 9.93
C ILE A 54 -11.73 19.73 11.43
N ALA A 55 -10.98 18.74 11.87
CA ALA A 55 -10.98 18.42 13.28
C ALA A 55 -9.73 17.68 13.73
N ASN A 56 -9.42 17.83 15.02
CA ASN A 56 -8.28 17.17 15.60
C ASN A 56 -8.86 15.89 16.19
N ALA A 57 -8.53 14.76 15.58
CA ALA A 57 -9.05 13.48 16.05
C ALA A 57 -8.60 13.11 17.45
N THR A 58 -7.52 13.74 17.94
CA THR A 58 -7.03 13.43 19.28
C THR A 58 -7.78 14.22 20.35
N GLU A 59 -8.53 15.23 19.92
CA GLU A 59 -9.31 16.05 20.85
C GLU A 59 -10.63 15.38 21.17
N GLU A 60 -10.77 14.95 22.42
CA GLU A 60 -11.95 14.26 22.91
C GLU A 60 -13.28 15.00 22.66
N ASN A 61 -13.23 16.33 22.64
CA ASN A 61 -14.45 17.10 22.42
C ASN A 61 -14.82 17.20 20.94
N GLU A 62 -13.81 17.51 20.11
CA GLU A 62 -14.04 17.63 18.68
C GLU A 62 -14.60 16.32 18.14
N LEU A 63 -14.28 15.23 18.80
CA LEU A 63 -14.77 13.93 18.38
C LEU A 63 -16.28 13.88 18.62
N LEU A 64 -16.74 14.59 19.65
CA LEU A 64 -18.16 14.64 19.97
C LEU A 64 -18.89 15.56 19.01
N SER A 65 -18.31 16.72 18.73
CA SER A 65 -18.90 17.70 17.82
C SER A 65 -19.05 17.03 16.44
N LEU A 66 -18.16 16.09 16.18
CA LEU A 66 -18.13 15.35 14.93
C LEU A 66 -19.26 14.32 14.86
N GLY A 67 -19.64 13.78 16.01
CA GLY A 67 -20.70 12.78 16.05
C GLY A 67 -20.19 11.41 15.67
N ILE A 68 -18.87 11.24 15.79
CA ILE A 68 -18.20 10.00 15.43
C ILE A 68 -18.77 8.77 16.15
N ARG A 69 -19.35 8.99 17.33
CA ARG A 69 -19.89 7.87 18.09
C ARG A 69 -20.97 7.13 17.30
N ASN A 70 -21.50 7.80 16.29
CA ASN A 70 -22.58 7.23 15.47
C ASN A 70 -22.19 6.53 14.17
N PHE A 71 -20.93 6.09 14.05
CA PHE A 71 -20.53 5.40 12.84
C PHE A 71 -20.14 3.94 13.07
N GLU A 72 -20.63 3.06 12.19
CA GLU A 72 -20.33 1.63 12.27
C GLU A 72 -18.84 1.37 12.05
N TYR A 73 -18.26 2.05 11.07
CA TYR A 73 -16.84 1.90 10.77
C TYR A 73 -16.17 3.27 10.77
N VAL A 74 -14.99 3.33 11.37
CA VAL A 74 -14.19 4.54 11.42
C VAL A 74 -12.78 4.12 11.07
N ILE A 75 -12.21 4.77 10.09
CA ILE A 75 -10.87 4.46 9.63
C ILE A 75 -9.91 5.52 10.13
N VAL A 76 -8.87 5.09 10.81
CA VAL A 76 -7.87 6.03 11.29
C VAL A 76 -6.74 5.85 10.29
N ALA A 77 -6.58 6.85 9.43
CA ALA A 77 -5.56 6.82 8.40
C ALA A 77 -4.51 7.88 8.65
N ILE A 78 -4.25 8.18 9.92
CA ILE A 78 -3.22 9.15 10.27
C ILE A 78 -1.90 8.53 9.82
N GLY A 79 -1.04 9.33 9.21
CA GLY A 79 0.23 8.83 8.74
C GLY A 79 1.39 8.78 9.72
N ALA A 80 2.47 9.46 9.38
CA ALA A 80 3.69 9.51 10.19
C ALA A 80 3.54 10.24 11.52
N ASN A 81 2.57 9.84 12.30
CA ASN A 81 2.31 10.43 13.61
C ASN A 81 1.72 9.33 14.46
N ILE A 82 2.58 8.40 14.90
CA ILE A 82 2.11 7.30 15.69
C ILE A 82 1.28 7.76 16.89
N GLN A 83 1.72 8.84 17.53
CA GLN A 83 1.03 9.35 18.71
C GLN A 83 -0.40 9.82 18.45
N ALA A 84 -0.59 10.59 17.38
CA ALA A 84 -1.93 11.07 17.06
C ALA A 84 -2.78 9.86 16.65
N SER A 85 -2.15 8.93 15.95
CA SER A 85 -2.84 7.73 15.49
C SER A 85 -3.31 6.87 16.66
N THR A 86 -2.41 6.56 17.59
CA THR A 86 -2.79 5.74 18.73
C THR A 86 -3.76 6.45 19.65
N LEU A 87 -3.54 7.74 19.83
CA LEU A 87 -4.41 8.52 20.71
C LEU A 87 -5.82 8.49 20.16
N THR A 88 -5.97 8.79 18.88
CA THR A 88 -7.28 8.77 18.23
C THR A 88 -7.94 7.40 18.38
N THR A 89 -7.23 6.33 18.02
CA THR A 89 -7.81 5.00 18.15
C THR A 89 -8.25 4.75 19.59
N LEU A 90 -7.52 5.33 20.54
CA LEU A 90 -7.82 5.20 21.97
C LEU A 90 -9.15 5.83 22.32
N LEU A 91 -9.36 7.06 21.87
CA LEU A 91 -10.62 7.75 22.11
C LEU A 91 -11.76 7.02 21.41
N LEU A 92 -11.53 6.60 20.17
CA LEU A 92 -12.55 5.89 19.40
C LEU A 92 -13.01 4.64 20.15
N LYS A 93 -12.05 3.89 20.68
CA LYS A 93 -12.36 2.67 21.43
C LYS A 93 -13.17 3.03 22.68
N GLU A 94 -12.99 4.24 23.18
CA GLU A 94 -13.73 4.69 24.36
C GLU A 94 -15.17 4.99 24.00
N LEU A 95 -15.40 5.49 22.79
CA LEU A 95 -16.76 5.81 22.34
C LEU A 95 -17.48 4.53 21.90
N ASP A 96 -16.82 3.38 22.10
CA ASP A 96 -17.37 2.09 21.73
C ASP A 96 -17.80 1.98 20.27
N ILE A 97 -16.90 2.35 19.35
CA ILE A 97 -17.21 2.27 17.94
C ILE A 97 -17.11 0.82 17.47
N PRO A 98 -18.18 0.32 16.84
CA PRO A 98 -18.31 -1.04 16.31
C PRO A 98 -17.06 -1.58 15.62
N ASN A 99 -16.53 -0.80 14.68
CA ASN A 99 -15.34 -1.23 13.94
C ASN A 99 -14.36 -0.11 13.72
N ILE A 100 -13.15 -0.27 14.25
CA ILE A 100 -12.11 0.72 14.09
C ILE A 100 -10.94 0.09 13.34
N TRP A 101 -10.65 0.63 12.16
CA TRP A 101 -9.55 0.13 11.33
C TRP A 101 -8.46 1.19 11.36
N VAL A 102 -7.21 0.77 11.49
CA VAL A 102 -6.12 1.72 11.58
C VAL A 102 -4.94 1.37 10.69
N LYS A 103 -4.39 2.40 10.05
CA LYS A 103 -3.22 2.24 9.21
C LYS A 103 -2.05 2.24 10.18
N ALA A 104 -1.27 1.18 10.19
CA ALA A 104 -0.12 1.12 11.09
C ALA A 104 1.15 1.55 10.36
N GLN A 105 2.03 2.25 11.08
CA GLN A 105 3.27 2.72 10.49
C GLN A 105 4.35 1.66 10.55
N ASN A 106 4.36 0.88 11.63
CA ASN A 106 5.37 -0.15 11.79
C ASN A 106 4.95 -1.20 12.81
N TYR A 107 5.87 -2.09 13.15
CA TYR A 107 5.63 -3.18 14.09
C TYR A 107 5.20 -2.64 15.46
N TYR A 108 5.97 -1.70 15.99
CA TYR A 108 5.64 -1.10 17.28
C TYR A 108 4.22 -0.58 17.28
N HIS A 109 3.88 0.22 16.27
CA HIS A 109 2.55 0.79 16.18
C HIS A 109 1.50 -0.32 16.17
N HIS A 110 1.74 -1.34 15.36
CA HIS A 110 0.84 -2.49 15.26
C HIS A 110 0.60 -3.08 16.65
N LYS A 111 1.67 -3.35 17.37
CA LYS A 111 1.57 -3.95 18.70
C LYS A 111 0.70 -3.15 19.66
N VAL A 112 0.79 -1.83 19.64
CA VAL A 112 -0.03 -1.03 20.55
C VAL A 112 -1.47 -0.98 20.06
N LEU A 113 -1.65 -0.89 18.74
CA LEU A 113 -3.00 -0.83 18.17
C LEU A 113 -3.80 -2.08 18.50
N GLU A 114 -3.14 -3.24 18.44
CA GLU A 114 -3.81 -4.50 18.75
C GLU A 114 -4.46 -4.43 20.12
N LYS A 115 -3.72 -3.94 21.12
CA LYS A 115 -4.21 -3.84 22.49
C LYS A 115 -5.04 -2.60 22.75
N ILE A 116 -4.88 -1.58 21.92
CA ILE A 116 -5.61 -0.33 22.07
C ILE A 116 -7.06 -0.39 21.60
N GLY A 117 -7.40 -1.42 20.83
CA GLY A 117 -8.77 -1.54 20.35
C GLY A 117 -8.99 -1.70 18.86
N ALA A 118 -7.96 -1.45 18.05
CA ALA A 118 -8.10 -1.58 16.61
C ALA A 118 -8.60 -2.97 16.23
N ASP A 119 -9.68 -3.03 15.46
CA ASP A 119 -10.25 -4.31 15.02
C ASP A 119 -9.54 -4.86 13.81
N ARG A 120 -8.95 -3.96 13.03
CA ARG A 120 -8.19 -4.35 11.85
C ARG A 120 -7.04 -3.35 11.66
N ILE A 121 -5.85 -3.89 11.39
CA ILE A 121 -4.64 -3.08 11.20
C ILE A 121 -4.19 -3.20 9.75
N ILE A 122 -3.94 -2.06 9.12
CA ILE A 122 -3.49 -2.07 7.73
C ILE A 122 -2.04 -1.60 7.55
N HIS A 123 -1.27 -2.38 6.80
CA HIS A 123 0.13 -2.10 6.47
C HIS A 123 0.13 -2.01 4.95
N PRO A 124 -0.16 -0.83 4.41
CA PRO A 124 -0.21 -0.64 2.96
C PRO A 124 0.85 -1.30 2.10
N GLU A 125 2.11 -1.01 2.39
CA GLU A 125 3.24 -1.56 1.64
C GLU A 125 3.26 -3.09 1.64
N LYS A 126 3.24 -3.69 2.82
CA LYS A 126 3.28 -5.15 2.95
C LYS A 126 2.03 -5.78 2.34
N ASP A 127 0.87 -5.31 2.77
CA ASP A 127 -0.42 -5.81 2.30
C ASP A 127 -0.56 -5.77 0.77
N MET A 128 -0.10 -4.69 0.15
CA MET A 128 -0.19 -4.57 -1.30
C MET A 128 0.76 -5.59 -1.91
N GLY A 129 1.83 -5.87 -1.17
CA GLY A 129 2.82 -6.83 -1.61
C GLY A 129 2.15 -8.17 -1.76
N VAL A 130 1.31 -8.54 -0.80
CA VAL A 130 0.65 -9.83 -0.90
C VAL A 130 -0.30 -9.83 -2.09
N LYS A 131 -1.07 -8.77 -2.26
CA LYS A 131 -2.03 -8.71 -3.37
C LYS A 131 -1.35 -8.70 -4.73
N ILE A 132 -0.16 -8.12 -4.79
CA ILE A 132 0.57 -8.11 -6.06
C ILE A 132 1.03 -9.54 -6.33
N ALA A 133 1.47 -10.23 -5.28
CA ALA A 133 1.91 -11.62 -5.45
C ALA A 133 0.73 -12.42 -6.01
N GLN A 134 -0.44 -12.18 -5.43
CA GLN A 134 -1.67 -12.85 -5.85
C GLN A 134 -2.00 -12.57 -7.32
N SER A 135 -1.84 -11.32 -7.75
CA SER A 135 -2.13 -10.99 -9.15
C SER A 135 -1.16 -11.74 -10.05
N LEU A 136 0.10 -11.80 -9.63
CA LEU A 136 1.10 -12.51 -10.42
C LEU A 136 0.72 -13.97 -10.57
N SER A 137 0.37 -14.60 -9.45
CA SER A 137 -0.03 -16.01 -9.47
C SER A 137 -1.22 -16.21 -10.41
N ASP A 138 -2.20 -15.31 -10.33
CA ASP A 138 -3.38 -15.41 -11.18
C ASP A 138 -3.03 -15.37 -12.65
N GLU A 139 -2.07 -14.52 -13.00
CA GLU A 139 -1.64 -14.38 -14.39
C GLU A 139 -1.29 -15.76 -14.98
N ASN A 140 -0.61 -16.58 -14.18
CA ASN A 140 -0.20 -17.91 -14.63
C ASN A 140 -1.15 -19.04 -14.25
N VAL A 141 -1.43 -19.17 -12.96
CA VAL A 141 -2.31 -20.22 -12.48
C VAL A 141 -3.68 -20.20 -13.17
N LEU A 142 -4.41 -19.11 -13.02
CA LEU A 142 -5.71 -18.98 -13.67
C LEU A 142 -5.48 -18.86 -15.18
N ASN A 143 -4.20 -18.79 -15.56
CA ASN A 143 -3.78 -18.69 -16.95
C ASN A 143 -4.46 -17.57 -17.74
N TYR A 144 -3.89 -16.37 -17.67
CA TYR A 144 -4.42 -15.23 -18.40
C TYR A 144 -3.49 -14.03 -18.27
N LYS B 7 5.39 -17.41 -16.30
CA LYS B 7 5.93 -18.40 -15.32
C LYS B 7 6.96 -17.78 -14.39
N GLN B 8 8.06 -17.33 -14.97
CA GLN B 8 9.16 -16.73 -14.22
C GLN B 8 8.78 -15.43 -13.50
N PHE B 9 9.24 -15.31 -12.25
CA PHE B 9 8.96 -14.12 -11.45
C PHE B 9 10.27 -13.57 -10.89
N ALA B 10 10.45 -12.26 -11.01
CA ALA B 10 11.65 -11.63 -10.49
C ALA B 10 11.30 -10.33 -9.79
N VAL B 11 11.70 -10.22 -8.52
CA VAL B 11 11.44 -9.03 -7.74
C VAL B 11 12.74 -8.29 -7.44
N ILE B 12 12.82 -7.05 -7.89
CA ILE B 12 14.01 -6.22 -7.67
C ILE B 12 13.68 -5.16 -6.62
N GLY B 13 14.37 -5.22 -5.49
CA GLY B 13 14.14 -4.26 -4.43
C GLY B 13 13.33 -4.98 -3.37
N LEU B 14 13.98 -5.36 -2.28
CA LEU B 14 13.32 -6.10 -1.23
C LEU B 14 12.97 -5.29 0.00
N GLY B 15 12.14 -4.27 -0.19
CA GLY B 15 11.71 -3.45 0.93
C GLY B 15 10.49 -4.12 1.50
N ARG B 16 9.62 -3.37 2.17
CA ARG B 16 8.41 -3.92 2.75
C ARG B 16 7.52 -4.41 1.62
N PHE B 17 7.38 -3.58 0.58
CA PHE B 17 6.55 -3.96 -0.57
C PHE B 17 7.16 -5.16 -1.30
N GLY B 18 8.38 -4.99 -1.81
CA GLY B 18 9.03 -6.06 -2.56
C GLY B 18 9.27 -7.35 -1.79
N GLY B 19 9.71 -7.25 -0.55
CA GLY B 19 9.96 -8.45 0.22
C GLY B 19 8.66 -9.21 0.42
N SER B 20 7.59 -8.46 0.68
CA SER B 20 6.28 -9.05 0.91
C SER B 20 5.82 -9.87 -0.27
N ILE B 21 6.05 -9.37 -1.48
CA ILE B 21 5.59 -10.14 -2.62
C ILE B 21 6.43 -11.40 -2.78
N VAL B 22 7.70 -11.35 -2.38
CA VAL B 22 8.55 -12.53 -2.50
C VAL B 22 8.07 -13.60 -1.55
N LYS B 23 7.77 -13.20 -0.31
CA LYS B 23 7.30 -14.13 0.70
C LYS B 23 5.96 -14.74 0.31
N GLU B 24 5.07 -13.95 -0.27
CA GLU B 24 3.78 -14.47 -0.67
C GLU B 24 3.90 -15.47 -1.80
N LEU B 25 4.69 -15.13 -2.82
CA LEU B 25 4.89 -16.03 -3.94
C LEU B 25 5.39 -17.38 -3.43
N HIS B 26 6.32 -17.32 -2.48
CA HIS B 26 6.88 -18.53 -1.89
C HIS B 26 5.78 -19.33 -1.21
N ARG B 27 5.01 -18.68 -0.33
CA ARG B 27 3.92 -19.35 0.38
C ARG B 27 2.96 -20.00 -0.62
N MET B 28 2.73 -19.33 -1.75
CA MET B 28 1.85 -19.85 -2.78
C MET B 28 2.53 -20.85 -3.70
N GLY B 29 3.64 -21.41 -3.23
CA GLY B 29 4.36 -22.41 -4.00
C GLY B 29 4.96 -21.99 -5.33
N HIS B 30 5.31 -20.72 -5.45
CA HIS B 30 5.91 -20.23 -6.68
C HIS B 30 7.40 -19.98 -6.49
N GLU B 31 8.16 -20.11 -7.57
CA GLU B 31 9.60 -19.86 -7.54
C GLU B 31 9.79 -18.38 -7.83
N VAL B 32 10.75 -17.76 -7.17
CA VAL B 32 11.01 -16.34 -7.38
C VAL B 32 12.47 -15.93 -7.19
N LEU B 33 12.96 -15.09 -8.10
CA LEU B 33 14.31 -14.58 -8.04
C LEU B 33 14.22 -13.28 -7.23
N ALA B 34 14.89 -13.23 -6.10
CA ALA B 34 14.89 -12.02 -5.26
C ALA B 34 16.23 -11.30 -5.46
N VAL B 35 16.17 -9.98 -5.65
CA VAL B 35 17.39 -9.20 -5.87
C VAL B 35 17.38 -7.83 -5.18
N ASP B 36 18.55 -7.39 -4.73
CA ASP B 36 18.68 -6.09 -4.05
C ASP B 36 20.16 -5.71 -4.03
N ILE B 37 20.48 -4.41 -3.98
CA ILE B 37 21.88 -3.99 -3.96
C ILE B 37 22.48 -4.19 -2.57
N ASN B 38 21.60 -4.32 -1.58
CA ASN B 38 22.02 -4.49 -0.20
C ASN B 38 22.00 -5.95 0.24
N GLU B 39 23.17 -6.47 0.61
CA GLU B 39 23.29 -7.86 1.05
C GLU B 39 22.37 -8.18 2.22
N GLU B 40 22.26 -7.24 3.15
CA GLU B 40 21.42 -7.43 4.33
C GLU B 40 19.97 -7.71 3.91
N LYS B 41 19.51 -7.03 2.86
CA LYS B 41 18.15 -7.24 2.37
C LYS B 41 18.04 -8.60 1.70
N VAL B 42 19.05 -8.93 0.90
CA VAL B 42 19.06 -10.21 0.21
C VAL B 42 19.01 -11.40 1.18
N ASN B 43 19.75 -11.31 2.28
CA ASN B 43 19.76 -12.39 3.27
C ASN B 43 18.40 -12.54 3.94
N ALA B 44 17.78 -11.41 4.25
CA ALA B 44 16.48 -11.41 4.91
C ALA B 44 15.41 -12.17 4.12
N TYR B 45 15.61 -12.36 2.83
CA TYR B 45 14.64 -13.08 2.02
C TYR B 45 15.21 -14.29 1.30
N ALA B 46 16.42 -14.68 1.67
CA ALA B 46 17.08 -15.83 1.04
C ALA B 46 16.26 -17.10 1.19
N SER B 47 15.65 -17.29 2.36
CA SER B 47 14.85 -18.48 2.63
C SER B 47 13.52 -18.54 1.86
N TYR B 48 13.12 -17.41 1.28
CA TYR B 48 11.86 -17.39 0.54
C TYR B 48 12.01 -17.47 -0.95
N ALA B 49 13.20 -17.15 -1.46
CA ALA B 49 13.42 -17.19 -2.89
C ALA B 49 14.18 -18.41 -3.35
N THR B 50 13.95 -18.80 -4.60
CA THR B 50 14.64 -19.93 -5.18
C THR B 50 16.10 -19.49 -5.18
N HIS B 51 16.30 -18.25 -5.61
CA HIS B 51 17.62 -17.65 -5.66
C HIS B 51 17.51 -16.19 -5.24
N ALA B 52 18.35 -15.79 -4.28
CA ALA B 52 18.42 -14.42 -3.79
C ALA B 52 19.80 -13.91 -4.20
N VAL B 53 19.83 -12.88 -5.03
CA VAL B 53 21.09 -12.35 -5.51
C VAL B 53 21.33 -10.87 -5.23
N ILE B 54 22.55 -10.55 -4.81
CA ILE B 54 22.93 -9.16 -4.53
C ILE B 54 23.33 -8.56 -5.87
N ALA B 55 22.72 -7.44 -6.23
CA ALA B 55 23.03 -6.81 -7.50
C ALA B 55 22.48 -5.40 -7.61
N ASN B 56 23.16 -4.58 -8.40
CA ASN B 56 22.73 -3.20 -8.64
C ASN B 56 21.97 -3.33 -9.95
N ALA B 57 20.65 -3.17 -9.86
CA ALA B 57 19.77 -3.30 -11.00
C ALA B 57 19.99 -2.29 -12.13
N THR B 58 20.74 -1.24 -11.85
CA THR B 58 21.02 -0.22 -12.87
C THR B 58 22.20 -0.62 -13.74
N GLU B 59 22.94 -1.66 -13.35
CA GLU B 59 24.10 -2.14 -14.09
C GLU B 59 23.73 -3.21 -15.10
N GLU B 60 23.81 -2.88 -16.38
CA GLU B 60 23.48 -3.82 -17.44
C GLU B 60 24.20 -5.16 -17.31
N ASN B 61 25.49 -5.12 -16.99
CA ASN B 61 26.27 -6.35 -16.86
C ASN B 61 25.76 -7.22 -15.71
N GLU B 62 25.35 -6.59 -14.62
CA GLU B 62 24.83 -7.34 -13.49
C GLU B 62 23.45 -7.88 -13.84
N LEU B 63 22.79 -7.20 -14.77
CA LEU B 63 21.47 -7.61 -15.18
C LEU B 63 21.57 -8.86 -16.03
N LEU B 64 22.65 -8.96 -16.80
CA LEU B 64 22.87 -10.10 -17.68
C LEU B 64 23.40 -11.32 -16.95
N SER B 65 24.32 -11.11 -16.01
CA SER B 65 24.87 -12.22 -15.25
C SER B 65 23.76 -12.77 -14.38
N LEU B 66 22.73 -11.97 -14.21
CA LEU B 66 21.56 -12.32 -13.40
C LEU B 66 20.61 -13.19 -14.22
N GLY B 67 20.53 -12.92 -15.52
CA GLY B 67 19.67 -13.68 -16.41
C GLY B 67 18.24 -13.15 -16.40
N ILE B 68 18.09 -11.93 -15.89
CA ILE B 68 16.79 -11.27 -15.77
C ILE B 68 16.00 -11.27 -17.08
N ARG B 69 16.70 -11.20 -18.20
CA ARG B 69 16.07 -11.17 -19.52
C ARG B 69 15.23 -12.42 -19.82
N ASN B 70 15.41 -13.47 -19.02
CA ASN B 70 14.68 -14.71 -19.23
C ASN B 70 13.39 -14.81 -18.44
N PHE B 71 13.05 -13.76 -17.69
CA PHE B 71 11.83 -13.79 -16.90
C PHE B 71 10.61 -13.19 -17.57
N GLU B 72 9.46 -13.78 -17.28
CA GLU B 72 8.18 -13.33 -17.83
C GLU B 72 7.65 -12.09 -17.11
N TYR B 73 7.87 -12.03 -15.80
CA TYR B 73 7.41 -10.88 -15.01
C TYR B 73 8.54 -10.41 -14.12
N VAL B 74 8.86 -9.12 -14.20
CA VAL B 74 9.89 -8.55 -13.35
C VAL B 74 9.24 -7.37 -12.62
N ILE B 75 9.34 -7.37 -11.30
CA ILE B 75 8.75 -6.31 -10.50
C ILE B 75 9.83 -5.39 -9.96
N VAL B 76 9.73 -4.10 -10.30
CA VAL B 76 10.68 -3.14 -9.81
C VAL B 76 10.06 -2.49 -8.58
N ALA B 77 10.62 -2.81 -7.41
CA ALA B 77 10.12 -2.31 -6.15
C ALA B 77 11.13 -1.42 -5.43
N ILE B 78 11.97 -0.75 -6.21
CA ILE B 78 12.94 0.17 -5.64
C ILE B 78 12.06 1.24 -5.01
N GLY B 79 12.49 1.78 -3.89
CA GLY B 79 11.68 2.79 -3.22
C GLY B 79 12.21 4.20 -3.42
N ALA B 80 12.78 4.77 -2.35
CA ALA B 80 13.31 6.13 -2.38
C ALA B 80 14.22 6.47 -3.55
N ASN B 81 15.08 5.56 -3.98
CA ASN B 81 15.96 5.88 -5.10
C ASN B 81 15.19 5.89 -6.41
N ILE B 82 14.42 6.95 -6.62
CA ILE B 82 13.62 7.08 -7.84
C ILE B 82 14.42 6.97 -9.13
N GLN B 83 15.62 7.52 -9.14
CA GLN B 83 16.45 7.45 -10.33
C GLN B 83 16.80 6.01 -10.70
N ALA B 84 17.19 5.20 -9.70
CA ALA B 84 17.54 3.80 -9.95
C ALA B 84 16.33 3.05 -10.50
N SER B 85 15.17 3.37 -9.92
CA SER B 85 13.91 2.78 -10.31
C SER B 85 13.64 3.04 -11.79
N THR B 86 13.63 4.31 -12.20
CA THR B 86 13.36 4.57 -13.60
C THR B 86 14.45 4.07 -14.53
N LEU B 87 15.71 4.12 -14.10
CA LEU B 87 16.79 3.62 -14.95
C LEU B 87 16.66 2.11 -15.11
N THR B 88 16.38 1.42 -14.00
CA THR B 88 16.21 -0.03 -14.01
C THR B 88 15.08 -0.45 -14.94
N THR B 89 13.94 0.24 -14.89
CA THR B 89 12.84 -0.17 -15.78
C THR B 89 13.17 0.15 -17.24
N LEU B 90 14.02 1.16 -17.45
CA LEU B 90 14.44 1.55 -18.79
C LEU B 90 15.29 0.43 -19.36
N LEU B 91 16.12 -0.16 -18.52
CA LEU B 91 16.98 -1.25 -18.94
C LEU B 91 16.18 -2.51 -19.21
N LEU B 92 15.24 -2.83 -18.31
CA LEU B 92 14.40 -4.02 -18.49
C LEU B 92 13.62 -3.91 -19.78
N LYS B 93 13.22 -2.70 -20.13
CA LYS B 93 12.47 -2.47 -21.36
C LYS B 93 13.35 -2.77 -22.56
N GLU B 94 14.64 -2.46 -22.45
CA GLU B 94 15.59 -2.73 -23.53
C GLU B 94 15.72 -4.24 -23.73
N LEU B 95 15.57 -4.99 -22.64
CA LEU B 95 15.68 -6.45 -22.71
C LEU B 95 14.33 -7.07 -23.10
N ASP B 96 13.37 -6.22 -23.42
CA ASP B 96 12.04 -6.66 -23.83
C ASP B 96 11.31 -7.61 -22.88
N ILE B 97 11.49 -7.39 -21.58
CA ILE B 97 10.81 -8.21 -20.58
C ILE B 97 9.31 -8.07 -20.87
N PRO B 98 8.59 -9.20 -20.99
CA PRO B 98 7.15 -9.27 -21.26
C PRO B 98 6.28 -8.44 -20.34
N ASN B 99 6.53 -8.54 -19.03
CA ASN B 99 5.74 -7.79 -18.07
C ASN B 99 6.61 -7.14 -17.01
N ILE B 100 6.69 -5.82 -17.04
CA ILE B 100 7.46 -5.11 -16.04
C ILE B 100 6.49 -4.25 -15.23
N TRP B 101 6.39 -4.56 -13.94
CA TRP B 101 5.52 -3.85 -13.02
C TRP B 101 6.41 -3.04 -12.11
N VAL B 102 6.05 -1.78 -11.89
CA VAL B 102 6.87 -0.90 -11.07
C VAL B 102 6.08 -0.14 -10.02
N LYS B 103 6.62 -0.10 -8.81
CA LYS B 103 6.00 0.63 -7.73
C LYS B 103 6.37 2.09 -8.01
N ALA B 104 5.37 2.96 -8.03
CA ALA B 104 5.59 4.38 -8.25
C ALA B 104 5.77 5.07 -6.90
N GLN B 105 6.76 5.96 -6.83
CA GLN B 105 7.03 6.69 -5.61
C GLN B 105 6.08 7.88 -5.49
N ASN B 106 5.83 8.54 -6.62
CA ASN B 106 4.93 9.69 -6.68
C ASN B 106 4.37 9.97 -8.08
N TYR B 107 3.62 11.06 -8.20
CA TYR B 107 2.99 11.45 -9.46
C TYR B 107 3.97 11.61 -10.63
N TYR B 108 5.02 12.40 -10.46
CA TYR B 108 5.97 12.54 -11.55
C TYR B 108 6.52 11.16 -11.90
N HIS B 109 6.83 10.36 -10.89
CA HIS B 109 7.39 9.03 -11.11
C HIS B 109 6.46 8.19 -11.96
N HIS B 110 5.17 8.18 -11.60
CA HIS B 110 4.17 7.44 -12.36
C HIS B 110 4.19 7.93 -13.80
N LYS B 111 4.22 9.24 -13.98
CA LYS B 111 4.23 9.82 -15.31
C LYS B 111 5.44 9.39 -16.14
N VAL B 112 6.63 9.35 -15.56
CA VAL B 112 7.75 8.90 -16.37
C VAL B 112 7.60 7.42 -16.67
N LEU B 113 7.24 6.63 -15.64
CA LEU B 113 7.10 5.20 -15.80
C LEU B 113 6.16 4.77 -16.92
N GLU B 114 5.01 5.44 -17.02
CA GLU B 114 4.07 5.10 -18.08
C GLU B 114 4.66 5.36 -19.47
N LYS B 115 5.45 6.41 -19.60
CA LYS B 115 6.07 6.76 -20.88
C LYS B 115 7.33 5.93 -21.13
N ILE B 116 7.82 5.29 -20.08
CA ILE B 116 9.04 4.50 -20.15
C ILE B 116 8.82 3.04 -20.52
N GLY B 117 7.61 2.54 -20.35
CA GLY B 117 7.37 1.15 -20.69
C GLY B 117 6.91 0.28 -19.55
N ALA B 118 6.55 0.88 -18.42
CA ALA B 118 6.08 0.10 -17.29
C ALA B 118 4.69 -0.40 -17.69
N ASP B 119 4.47 -1.71 -17.58
CA ASP B 119 3.19 -2.29 -17.95
C ASP B 119 2.13 -2.10 -16.89
N ARG B 120 2.57 -2.04 -15.63
CA ARG B 120 1.66 -1.84 -14.53
C ARG B 120 2.40 -0.97 -13.51
N ILE B 121 1.71 0.04 -13.01
CA ILE B 121 2.30 0.95 -12.02
C ILE B 121 1.51 0.78 -10.74
N ILE B 122 2.21 0.45 -9.66
CA ILE B 122 1.59 0.24 -8.37
C ILE B 122 1.84 1.37 -7.39
N HIS B 123 0.78 1.76 -6.70
CA HIS B 123 0.78 2.81 -5.70
C HIS B 123 0.18 2.18 -4.45
N PRO B 124 1.03 1.57 -3.61
CA PRO B 124 0.59 0.91 -2.39
C PRO B 124 -0.44 1.65 -1.55
N GLU B 125 -0.17 2.90 -1.21
CA GLU B 125 -1.09 3.68 -0.39
C GLU B 125 -2.45 3.83 -1.06
N LYS B 126 -2.46 4.43 -2.25
CA LYS B 126 -3.69 4.63 -3.00
C LYS B 126 -4.41 3.31 -3.27
N ASP B 127 -3.68 2.36 -3.86
CA ASP B 127 -4.27 1.07 -4.18
C ASP B 127 -4.86 0.38 -2.98
N MET B 128 -4.13 0.37 -1.87
CA MET B 128 -4.65 -0.28 -0.66
C MET B 128 -5.90 0.46 -0.21
N GLY B 129 -5.89 1.77 -0.38
CA GLY B 129 -7.04 2.58 -0.02
C GLY B 129 -8.29 2.13 -0.76
N VAL B 130 -8.17 1.86 -2.05
CA VAL B 130 -9.34 1.41 -2.79
C VAL B 130 -9.74 0.05 -2.24
N LYS B 131 -8.75 -0.81 -1.96
CA LYS B 131 -9.05 -2.13 -1.42
C LYS B 131 -9.91 -2.01 -0.16
N ILE B 132 -9.48 -1.17 0.78
CA ILE B 132 -10.21 -0.99 2.03
C ILE B 132 -11.64 -0.49 1.82
N ALA B 133 -11.82 0.40 0.86
CA ALA B 133 -13.16 0.92 0.60
C ALA B 133 -14.04 -0.24 0.12
N GLN B 134 -13.51 -1.04 -0.81
CA GLN B 134 -14.27 -2.17 -1.33
C GLN B 134 -14.44 -3.22 -0.22
N SER B 135 -13.47 -3.28 0.67
CA SER B 135 -13.53 -4.23 1.78
C SER B 135 -14.62 -3.74 2.73
N LEU B 136 -14.76 -2.42 2.83
CA LEU B 136 -15.77 -1.82 3.71
C LEU B 136 -17.20 -2.10 3.25
N SER B 137 -17.45 -1.99 1.95
CA SER B 137 -18.77 -2.23 1.37
C SER B 137 -19.23 -3.66 1.58
N ASP B 138 -18.37 -4.61 1.21
CA ASP B 138 -18.65 -6.03 1.35
C ASP B 138 -19.23 -6.38 2.73
N GLU B 139 -19.09 -5.46 3.67
CA GLU B 139 -19.60 -5.66 5.03
C GLU B 139 -21.08 -6.03 5.02
N ASN B 140 -21.80 -5.51 4.02
CA ASN B 140 -23.22 -5.78 3.88
C ASN B 140 -23.53 -6.55 2.59
N VAL B 141 -22.61 -7.39 2.17
CA VAL B 141 -22.80 -8.17 0.95
C VAL B 141 -23.03 -9.64 1.31
PB ADP C . 0.39 11.77 3.00
O1B ADP C . 1.83 11.94 3.32
O2B ADP C . 0.12 10.27 2.46
O3B ADP C . -0.03 12.81 1.86
PA ADP C . -0.15 11.03 5.53
O1A ADP C . 0.20 9.69 5.00
O2A ADP C . 1.09 11.62 6.38
O3A ADP C . -0.52 12.06 4.33
O5' ADP C . -1.47 10.84 6.46
C5' ADP C . -1.55 11.92 7.39
C4' ADP C . -2.88 12.66 7.25
O4' ADP C . -3.62 12.61 8.52
C3' ADP C . -2.66 14.16 6.92
O3' ADP C . -3.62 14.61 5.94
C2' ADP C . -2.80 14.84 8.27
O2' ADP C . -3.18 16.21 8.16
C1' ADP C . -3.86 13.99 8.97
N9 ADP C . -3.74 14.09 10.44
C8 ADP C . -2.58 14.06 11.19
N7 ADP C . -2.87 14.18 12.45
C5 ADP C . -4.21 14.31 12.60
C6 ADP C . -5.10 14.47 13.71
N6 ADP C . -4.60 14.53 15.00
N1 ADP C . -6.42 14.56 13.46
C2 ADP C . -6.92 14.51 12.21
N3 ADP C . -6.12 14.35 11.15
C4 ADP C . -4.78 14.26 11.30
PB ADP D . 11.73 0.25 2.77
O1B ADP D . 11.17 1.57 3.17
O2B ADP D . 10.61 -0.54 1.92
O3B ADP D . 12.09 -0.59 4.09
PA ADP D . 12.74 0.87 0.36
O1A ADP D . 11.37 1.46 0.24
O2A ADP D . 13.82 1.96 -0.14
O3A ADP D . 13.08 0.48 1.91
O5' ADP D . 12.80 -0.50 -0.54
C5' ADP D . 13.60 -0.29 -1.70
C4' ADP D . 14.64 -1.40 -1.84
O4' ADP D . 15.24 -1.35 -3.17
C3' ADP D . 15.79 -1.25 -0.80
O3' ADP D . 15.91 -2.42 0.01
C2' ADP D . 17.05 -0.99 -1.65
O2' ADP D . 18.23 -1.59 -1.11
C1' ADP D . 16.68 -1.56 -3.03
N9 ADP D . 17.40 -0.85 -4.09
C8 ADP D . 17.61 0.50 -4.20
N7 ADP D . 18.30 0.76 -5.28
C5 ADP D . 18.58 -0.39 -5.92
C6 ADP D . 19.28 -0.74 -7.11
N6 ADP D . 19.85 0.25 -7.89
N1 ADP D . 19.36 -2.05 -7.48
C2 ADP D . 18.79 -3.02 -6.73
N3 ADP D . 18.14 -2.73 -5.61
C4 ADP D . 18.00 -1.45 -5.16
#